data_7O29
#
_entry.id   7O29
#
_cell.length_a   64.150
_cell.length_b   64.150
_cell.length_c   225.650
_cell.angle_alpha   90.000
_cell.angle_beta   90.000
_cell.angle_gamma   120.000
#
_symmetry.space_group_name_H-M   'P 32 2 1'
#
loop_
_entity.id
_entity.type
_entity.pdbx_description
1 polymer 'N6-adenosine-methyltransferase catalytic subunit'
2 polymer 'N6-adenosine-methyltransferase non-catalytic subunit'
3 non-polymer 4-[4-[(4,4-dimethylpiperidin-1-yl)methyl]-2-fluoranyl-phenyl]-9-[6-(methylamino)pyrimidin-4-yl]-1,4,9-triazaspiro[5.5]undecan-2-one
4 non-polymer 'ACETATE ION'
5 water water
#
loop_
_entity_poly.entity_id
_entity_poly.type
_entity_poly.pdbx_seq_one_letter_code
_entity_poly.pdbx_strand_id
1 'polypeptide(L)'
;MGHHHHHHSSGRENLYFQGALTQSVGGDSSADRLFPPQWICCDIRYLDVSILGKFAVVMADPPWDIHMELPYGTLTDDEM
RRLNIPVLQDDGFLFLWVTGRAMELGRECLNLWGYERVDEIIWVKTNQLQRIIRTGRTGHWLNHGKEHCLVGVKGNPQGF
NQGLDCDVIVAEVRSTSHKPDEIYGMIERLSPGTRKIELFGRPHNVQPNWITLGNQLDGIHLLDPDVVARFKQRYPDGII
SKPKNL
;
A
2 'polypeptide(L)'
;MLKGTQSLNPHNDYCQHFVDTGHRPQNFIRDVGLADRFEEYPKLRELIRLKDELIAKSNTPPMYLQADIEAFDIRELTPK
FDVILLEPPLEEYYRETGITANEKCWTWDDIMKLEIDEIAAPRSFIFLWCGSGEGLDLGRVCLRKWGYRRCEDICWIKTN
KNNPGKTKTLDPKAVFQRTKEHCLMGIKGTVKRSTDGDFIHANVDIDLIITEEPEIGNIEKPVEIFHIIEHFCLGRRRLH
LFGRDSTIRPGWLTVGPTLTNSNYNAETYASYFSAPNSYLTGCTEEIERL
;
B
#
loop_
_chem_comp.id
_chem_comp.type
_chem_comp.name
_chem_comp.formula
ACT non-polymer 'ACETATE ION' 'C2 H3 O2 -1'
UZE non-polymer 4-[4-[(4,4-dimethylpiperidin-1-yl)methyl]-2-fluoranyl-phenyl]-9-[6-(methylamino)pyrimidin-4-yl]-1,4,9-triazaspiro[5.5]undecan-2-one 'C27 H38 F N7 O'
#
# COMPACT_ATOMS: atom_id res chain seq x y z
N LEU A 34 -6.45 -33.73 -8.16
CA LEU A 34 -6.46 -33.65 -9.62
C LEU A 34 -6.04 -32.27 -10.16
N PHE A 35 -4.82 -32.20 -10.71
CA PHE A 35 -4.17 -31.02 -11.28
C PHE A 35 -5.00 -30.06 -12.15
N PRO A 36 -5.95 -30.48 -13.01
CA PRO A 36 -6.51 -29.54 -14.01
C PRO A 36 -7.57 -28.61 -13.44
N PRO A 37 -7.95 -27.57 -14.21
CA PRO A 37 -8.98 -26.64 -13.74
C PRO A 37 -10.28 -27.30 -13.31
N GLN A 38 -10.76 -26.89 -12.14
CA GLN A 38 -12.10 -27.20 -11.68
C GLN A 38 -12.76 -25.87 -11.34
N TRP A 39 -14.08 -25.85 -11.32
CA TRP A 39 -14.81 -24.65 -10.94
C TRP A 39 -16.23 -25.02 -10.52
N ILE A 40 -16.88 -24.07 -9.85
CA ILE A 40 -18.19 -24.24 -9.25
C ILE A 40 -18.93 -22.92 -9.44
N CYS A 41 -19.97 -22.91 -10.28
CA CYS A 41 -20.82 -21.72 -10.40
C CYS A 41 -21.78 -21.67 -9.22
N CYS A 42 -21.80 -20.54 -8.53
CA CYS A 42 -22.58 -20.45 -7.30
C CYS A 42 -22.50 -19.07 -6.68
N ASP A 43 -23.21 -18.87 -5.57
CA ASP A 43 -23.07 -17.72 -4.72
C ASP A 43 -22.14 -18.11 -3.58
N ILE A 44 -20.99 -17.46 -3.49
CA ILE A 44 -20.05 -17.82 -2.43
C ILE A 44 -20.66 -17.59 -1.06
N ARG A 45 -21.64 -16.68 -0.96
CA ARG A 45 -22.31 -16.46 0.32
C ARG A 45 -22.95 -17.73 0.85
N TYR A 46 -23.63 -18.48 -0.02
CA TYR A 46 -24.48 -19.59 0.40
C TYR A 46 -23.88 -20.97 0.14
N LEU A 47 -22.71 -21.05 -0.48
CA LEU A 47 -22.11 -22.34 -0.77
C LEU A 47 -21.41 -22.87 0.47
N ASP A 48 -21.51 -24.18 0.67
CA ASP A 48 -20.94 -24.81 1.85
C ASP A 48 -19.50 -25.18 1.51
N VAL A 49 -18.59 -24.24 1.75
CA VAL A 49 -17.21 -24.43 1.34
C VAL A 49 -16.49 -25.50 2.14
N SER A 50 -17.12 -26.04 3.17
CA SER A 50 -16.49 -27.08 3.98
C SER A 50 -16.16 -28.31 3.15
N ILE A 51 -16.96 -28.56 2.11
CA ILE A 51 -16.80 -29.78 1.33
C ILE A 51 -15.48 -29.78 0.56
N LEU A 52 -14.94 -28.59 0.25
CA LEU A 52 -13.80 -28.47 -0.64
C LEU A 52 -12.46 -28.80 0.01
N GLY A 53 -12.43 -28.99 1.33
CA GLY A 53 -11.18 -29.32 2.00
C GLY A 53 -10.30 -28.11 2.24
N LYS A 54 -9.01 -28.39 2.49
CA LYS A 54 -8.03 -27.37 2.87
C LYS A 54 -7.19 -26.96 1.67
N PHE A 55 -6.65 -25.74 1.72
CA PHE A 55 -5.92 -25.21 0.58
C PHE A 55 -4.65 -24.49 1.02
N ALA A 56 -3.54 -24.82 0.37
CA ALA A 56 -2.29 -24.13 0.68
C ALA A 56 -2.37 -22.64 0.38
N VAL A 57 -3.22 -22.23 -0.57
CA VAL A 57 -3.33 -20.82 -0.95
C VAL A 57 -4.79 -20.49 -1.26
N VAL A 58 -5.24 -19.35 -0.74
CA VAL A 58 -6.54 -18.79 -1.05
C VAL A 58 -6.31 -17.42 -1.68
N MET A 59 -6.99 -17.16 -2.77
CA MET A 59 -7.00 -15.85 -3.40
C MET A 59 -8.44 -15.40 -3.54
N ALA A 60 -8.67 -14.10 -3.32
CA ALA A 60 -9.98 -13.53 -3.53
C ALA A 60 -9.79 -12.11 -4.05
N ASP A 61 -10.64 -11.72 -5.00
CA ASP A 61 -10.70 -10.35 -5.50
C ASP A 61 -12.16 -9.98 -5.37
N PRO A 62 -12.59 -9.60 -4.17
CA PRO A 62 -14.00 -9.51 -3.88
C PRO A 62 -14.59 -8.27 -4.51
N PRO A 63 -15.90 -8.26 -4.72
CA PRO A 63 -16.60 -7.05 -5.14
C PRO A 63 -16.96 -6.16 -3.95
N TRP A 64 -15.94 -5.56 -3.33
CA TRP A 64 -16.17 -4.75 -2.15
C TRP A 64 -17.20 -3.68 -2.43
N ASP A 65 -17.87 -3.18 -1.39
CA ASP A 65 -18.83 -2.09 -1.54
C ASP A 65 -18.11 -0.75 -1.44
N ILE A 66 -17.30 -0.47 -2.45
CA ILE A 66 -16.49 0.74 -2.36
C ILE A 66 -17.37 1.91 -2.77
N HIS A 67 -16.81 3.13 -2.62
CA HIS A 67 -17.49 4.39 -2.88
C HIS A 67 -18.52 4.34 -4.00
N MET A 68 -19.76 3.99 -3.65
CA MET A 68 -20.86 3.94 -4.61
C MET A 68 -20.45 3.27 -5.91
N GLU A 69 -20.77 3.90 -7.03
CA GLU A 69 -20.67 3.30 -8.37
C GLU A 69 -21.55 2.05 -8.37
N LEU A 70 -21.13 1.00 -9.13
CA LEU A 70 -21.61 -0.39 -9.22
C LEU A 70 -21.93 -0.81 -10.66
N PRO A 71 -20.94 -1.29 -11.45
CA PRO A 71 -21.25 -2.05 -12.66
C PRO A 71 -21.47 -3.53 -12.41
N TYR A 72 -21.45 -3.95 -11.15
CA TYR A 72 -21.67 -5.33 -10.73
C TYR A 72 -22.24 -5.28 -9.31
N GLY A 73 -22.77 -6.41 -8.87
CA GLY A 73 -23.38 -6.49 -7.55
C GLY A 73 -22.35 -6.71 -6.45
N THR A 74 -22.45 -5.91 -5.40
CA THR A 74 -21.47 -5.91 -4.34
C THR A 74 -21.93 -6.74 -3.15
N LEU A 75 -21.01 -6.96 -2.22
CA LEU A 75 -21.33 -7.52 -0.92
C LEU A 75 -21.16 -6.42 0.11
N THR A 76 -21.99 -6.46 1.13
CA THR A 76 -21.86 -5.50 2.19
C THR A 76 -20.74 -5.92 3.11
N ASP A 77 -20.26 -4.97 3.91
CA ASP A 77 -19.19 -5.25 4.84
C ASP A 77 -19.46 -6.50 5.65
N ASP A 78 -20.68 -6.65 6.19
CA ASP A 78 -20.96 -7.77 7.09
C ASP A 78 -20.92 -9.10 6.35
N GLU A 79 -21.41 -9.13 5.11
CA GLU A 79 -21.33 -10.35 4.31
C GLU A 79 -19.87 -10.72 4.03
N MET A 80 -19.01 -9.73 3.81
CA MET A 80 -17.57 -10.03 3.71
C MET A 80 -17.00 -10.52 5.04
N ARG A 81 -17.32 -9.83 6.15
CA ARG A 81 -16.88 -10.35 7.44
C ARG A 81 -17.41 -11.77 7.65
N ARG A 82 -18.63 -12.03 7.15
CA ARG A 82 -19.30 -13.30 7.43
C ARG A 82 -18.84 -14.43 6.53
N LEU A 83 -18.15 -14.13 5.42
CA LEU A 83 -17.63 -15.17 4.55
C LEU A 83 -16.90 -16.22 5.36
N ASN A 84 -16.90 -17.45 4.87
CA ASN A 84 -16.40 -18.57 5.67
C ASN A 84 -15.01 -18.99 5.23
N ILE A 85 -14.12 -18.00 5.07
CA ILE A 85 -12.69 -18.21 4.81
C ILE A 85 -12.06 -19.17 5.82
N PRO A 86 -12.37 -19.10 7.12
CA PRO A 86 -11.53 -19.84 8.08
C PRO A 86 -11.60 -21.34 7.96
N VAL A 87 -12.62 -21.88 7.30
CA VAL A 87 -12.70 -23.33 7.12
C VAL A 87 -11.72 -23.78 6.05
N LEU A 88 -11.27 -22.84 5.21
CA LEU A 88 -10.53 -23.17 4.00
C LEU A 88 -9.07 -23.51 4.25
N GLN A 89 -8.45 -23.02 5.31
CA GLN A 89 -7.03 -23.31 5.50
C GLN A 89 -6.70 -23.61 6.95
N ASP A 90 -5.74 -24.50 7.15
CA ASP A 90 -5.09 -24.66 8.45
C ASP A 90 -3.72 -24.02 8.46
N ASP A 91 -2.94 -24.21 7.41
CA ASP A 91 -1.68 -23.50 7.29
C ASP A 91 -1.55 -23.02 5.86
N GLY A 92 -1.24 -21.74 5.67
CA GLY A 92 -1.04 -21.24 4.35
C GLY A 92 -1.29 -19.76 4.25
N PHE A 93 -1.55 -19.33 3.02
CA PHE A 93 -1.48 -17.94 2.64
C PHE A 93 -2.79 -17.49 2.02
N LEU A 94 -3.10 -16.21 2.18
CA LEU A 94 -4.30 -15.62 1.60
C LEU A 94 -3.86 -14.42 0.78
N PHE A 95 -4.42 -14.29 -0.42
CA PHE A 95 -4.12 -13.17 -1.29
C PHE A 95 -5.41 -12.42 -1.54
N LEU A 96 -5.45 -11.15 -1.12
CA LEU A 96 -6.68 -10.40 -0.97
C LEU A 96 -6.57 -9.06 -1.71
N TRP A 97 -7.29 -8.92 -2.83
CA TRP A 97 -7.23 -7.69 -3.60
C TRP A 97 -8.06 -6.61 -2.95
N VAL A 98 -7.50 -5.40 -2.88
CA VAL A 98 -8.12 -4.30 -2.15
C VAL A 98 -8.04 -3.03 -2.97
N THR A 99 -9.02 -2.17 -2.76
CA THR A 99 -9.05 -0.89 -3.45
C THR A 99 -9.89 0.05 -2.60
N GLY A 100 -9.54 1.32 -2.63
CA GLY A 100 -10.34 2.32 -1.95
C GLY A 100 -10.35 2.06 -0.47
N ARG A 101 -11.55 2.06 0.11
CA ARG A 101 -11.70 1.81 1.54
C ARG A 101 -11.53 0.35 1.89
N ALA A 102 -11.63 -0.54 0.92
CA ALA A 102 -11.32 -1.92 1.18
C ALA A 102 -9.88 -2.12 1.61
N MET A 103 -9.02 -1.10 1.48
CA MET A 103 -7.66 -1.27 1.99
C MET A 103 -7.67 -1.41 3.51
N GLU A 104 -8.54 -0.64 4.17
CA GLU A 104 -8.75 -0.79 5.60
C GLU A 104 -9.70 -1.94 5.92
N LEU A 105 -10.77 -2.10 5.15
CA LEU A 105 -11.70 -3.16 5.48
C LEU A 105 -11.09 -4.54 5.26
N GLY A 106 -10.37 -4.70 4.15
CA GLY A 106 -9.69 -5.97 3.89
C GLY A 106 -8.73 -6.34 4.98
N ARG A 107 -8.12 -5.34 5.63
CA ARG A 107 -7.23 -5.61 6.74
C ARG A 107 -8.01 -6.16 7.93
N GLU A 108 -9.24 -5.69 8.10
CA GLU A 108 -10.11 -6.21 9.14
C GLU A 108 -10.49 -7.65 8.85
N CYS A 109 -11.12 -7.90 7.68
CA CYS A 109 -11.48 -9.27 7.33
C CYS A 109 -10.28 -10.18 7.45
N LEU A 110 -9.13 -9.70 7.00
CA LEU A 110 -7.93 -10.50 7.07
C LEU A 110 -7.65 -10.92 8.49
N ASN A 111 -7.77 -9.98 9.44
CA ASN A 111 -7.50 -10.29 10.83
C ASN A 111 -8.61 -11.12 11.45
N LEU A 112 -9.88 -10.78 11.18
CA LEU A 112 -10.98 -11.56 11.74
C LEU A 112 -10.93 -13.00 11.26
N TRP A 113 -10.62 -13.23 9.99
CA TRP A 113 -10.55 -14.58 9.45
C TRP A 113 -9.39 -15.38 10.03
N GLY A 114 -8.54 -14.75 10.85
CA GLY A 114 -7.45 -15.44 11.52
C GLY A 114 -6.10 -15.31 10.88
N TYR A 115 -5.93 -14.43 9.89
CA TYR A 115 -4.65 -14.21 9.23
C TYR A 115 -3.90 -13.02 9.81
N GLU A 116 -2.60 -13.00 9.55
CA GLU A 116 -1.75 -11.86 9.79
C GLU A 116 -1.21 -11.39 8.44
N ARG A 117 -1.29 -10.09 8.16
CA ARG A 117 -0.75 -9.56 6.93
C ARG A 117 0.76 -9.48 7.05
N VAL A 118 1.48 -10.17 6.17
CA VAL A 118 2.94 -10.18 6.21
C VAL A 118 3.58 -9.57 4.98
N ASP A 119 2.81 -9.23 3.96
CA ASP A 119 3.34 -8.65 2.75
C ASP A 119 2.19 -7.95 2.06
N GLU A 120 2.50 -7.31 0.96
CA GLU A 120 1.52 -6.51 0.23
C GLU A 120 2.09 -6.30 -1.18
N ILE A 121 1.56 -7.00 -2.14
CA ILE A 121 1.98 -6.86 -3.52
C ILE A 121 1.23 -5.70 -4.14
N ILE A 122 1.91 -4.94 -4.99
CA ILE A 122 1.27 -3.93 -5.81
C ILE A 122 1.58 -4.25 -7.27
N TRP A 123 0.60 -4.03 -8.12
CA TRP A 123 0.70 -4.23 -9.55
C TRP A 123 0.80 -2.86 -10.19
N VAL A 124 1.89 -2.59 -10.92
CA VAL A 124 2.04 -1.35 -11.67
C VAL A 124 1.48 -1.57 -13.06
N LYS A 125 0.46 -0.77 -13.43
CA LYS A 125 -0.25 -0.90 -14.69
C LYS A 125 0.48 -0.14 -15.80
N THR A 126 0.86 -0.86 -16.86
CA THR A 126 1.55 -0.26 -18.00
C THR A 126 0.72 -0.45 -19.27
N ASN A 127 1.25 0.10 -20.37
CA ASN A 127 0.72 -0.14 -21.71
C ASN A 127 1.61 -1.14 -22.44
N GLN A 128 1.33 -1.35 -23.72
CA GLN A 128 2.13 -2.28 -24.52
C GLN A 128 3.49 -1.71 -24.91
N LEU A 129 3.83 -0.50 -24.47
CA LEU A 129 5.15 0.11 -24.68
C LEU A 129 5.84 0.47 -23.38
N GLN A 130 5.37 -0.05 -22.24
CA GLN A 130 6.06 -0.07 -20.95
C GLN A 130 6.05 1.26 -20.21
N ARG A 131 5.01 2.07 -20.38
CA ARG A 131 4.85 3.30 -19.62
C ARG A 131 3.65 3.18 -18.69
N ILE A 132 3.61 4.02 -17.67
CA ILE A 132 2.51 3.96 -16.69
C ILE A 132 1.26 4.64 -17.27
N ILE A 133 0.09 4.11 -16.90
CA ILE A 133 -1.19 4.66 -17.33
C ILE A 133 -1.69 5.78 -16.39
CA GLY A 139 -8.96 8.20 -4.86
C GLY A 139 -9.14 9.47 -5.68
N HIS A 140 -9.34 10.58 -4.98
CA HIS A 140 -9.66 11.86 -5.61
C HIS A 140 -8.41 12.70 -5.90
N TRP A 141 -7.42 12.70 -5.00
CA TRP A 141 -6.28 13.59 -5.09
C TRP A 141 -5.19 13.10 -6.04
N LEU A 142 -5.12 11.80 -6.32
CA LEU A 142 -4.04 11.22 -7.12
C LEU A 142 -4.59 10.21 -8.12
N ASN A 143 -3.96 10.15 -9.29
CA ASN A 143 -4.30 9.15 -10.28
C ASN A 143 -3.69 7.82 -9.86
N HIS A 144 -4.50 6.75 -9.90
CA HIS A 144 -4.03 5.44 -9.45
C HIS A 144 -3.25 4.77 -10.57
N GLY A 145 -1.96 4.56 -10.32
CA GLY A 145 -1.13 3.77 -11.20
C GLY A 145 -0.98 2.32 -10.82
N LYS A 146 -1.66 1.87 -9.77
CA LYS A 146 -1.40 0.54 -9.21
C LYS A 146 -2.67 -0.08 -8.63
N GLU A 147 -2.55 -1.34 -8.29
CA GLU A 147 -3.58 -2.06 -7.54
C GLU A 147 -2.89 -2.81 -6.42
N HIS A 148 -3.59 -2.95 -5.30
CA HIS A 148 -3.01 -3.59 -4.12
C HIS A 148 -3.62 -4.96 -3.88
N CYS A 149 -2.78 -5.87 -3.42
CA CYS A 149 -3.20 -7.21 -3.03
C CYS A 149 -2.49 -7.51 -1.72
N LEU A 150 -3.24 -7.52 -0.62
CA LEU A 150 -2.65 -7.88 0.65
C LEU A 150 -2.27 -9.36 0.68
N VAL A 151 -1.19 -9.67 1.38
CA VAL A 151 -0.77 -11.05 1.62
C VAL A 151 -0.87 -11.37 3.10
N GLY A 152 -1.60 -12.44 3.41
CA GLY A 152 -1.81 -12.86 4.77
C GLY A 152 -1.37 -14.30 4.94
N VAL A 153 -0.85 -14.60 6.14
CA VAL A 153 -0.44 -15.95 6.53
C VAL A 153 -1.36 -16.39 7.65
N LYS A 154 -1.56 -17.71 7.75
CA LYS A 154 -2.29 -18.34 8.85
C LYS A 154 -1.57 -19.62 9.24
N GLY A 155 -1.53 -19.90 10.54
CA GLY A 155 -0.92 -21.12 11.01
C GLY A 155 0.58 -21.07 10.83
N ASN A 156 1.17 -22.23 10.58
CA ASN A 156 2.60 -22.37 10.30
C ASN A 156 2.79 -23.08 8.98
N PRO A 157 2.68 -22.38 7.86
CA PRO A 157 3.06 -22.99 6.58
C PRO A 157 4.53 -23.37 6.61
N GLN A 158 4.83 -24.55 6.10
CA GLN A 158 6.20 -25.03 5.98
C GLN A 158 6.41 -25.58 4.58
N GLY A 159 7.67 -25.57 4.15
CA GLY A 159 7.99 -26.06 2.83
C GLY A 159 7.61 -25.12 1.71
N PHE A 160 7.64 -23.82 1.96
CA PHE A 160 7.31 -22.84 0.95
C PHE A 160 8.57 -22.09 0.54
N ASN A 161 8.61 -21.73 -0.73
CA ASN A 161 9.71 -20.94 -1.27
C ASN A 161 9.44 -19.46 -1.06
N GLN A 162 9.50 -19.07 0.19
CA GLN A 162 9.43 -17.65 0.50
C GLN A 162 10.65 -16.94 -0.08
N GLY A 163 10.43 -15.78 -0.69
CA GLY A 163 11.49 -14.92 -1.16
C GLY A 163 11.79 -14.94 -2.65
N LEU A 164 11.12 -15.81 -3.43
CA LEU A 164 11.50 -16.00 -4.84
C LEU A 164 11.12 -14.79 -5.69
N ASP A 165 10.02 -14.15 -5.41
CA ASP A 165 9.58 -13.01 -6.21
C ASP A 165 9.67 -11.75 -5.38
N CYS A 166 9.37 -10.62 -6.01
CA CYS A 166 9.34 -9.41 -5.21
C CYS A 166 7.92 -8.87 -5.18
N ASP A 167 7.71 -7.96 -4.24
CA ASP A 167 6.36 -7.49 -4.01
C ASP A 167 5.84 -6.60 -5.11
N VAL A 168 6.45 -6.55 -6.30
CA VAL A 168 6.01 -5.63 -7.35
C VAL A 168 5.78 -6.41 -8.63
N ILE A 169 4.60 -6.26 -9.22
CA ILE A 169 4.25 -6.84 -10.50
C ILE A 169 4.17 -5.72 -11.51
N VAL A 170 4.82 -5.89 -12.67
CA VAL A 170 4.67 -4.97 -13.79
C VAL A 170 4.14 -5.77 -14.98
N ALA A 171 3.05 -5.31 -15.57
CA ALA A 171 2.33 -6.10 -16.57
C ALA A 171 1.31 -5.22 -17.27
N GLU A 172 1.04 -5.55 -18.52
CA GLU A 172 0.05 -4.80 -19.29
C GLU A 172 -1.35 -5.12 -18.79
N VAL A 173 -2.23 -4.12 -18.86
CA VAL A 173 -3.64 -4.32 -18.53
C VAL A 173 -4.30 -5.01 -19.73
N ARG A 174 -4.57 -6.31 -19.60
CA ARG A 174 -5.12 -7.06 -20.72
C ARG A 174 -6.58 -6.70 -20.97
N SER A 175 -7.36 -6.54 -19.90
CA SER A 175 -8.76 -6.13 -20.04
C SER A 175 -9.21 -5.53 -18.72
N THR A 176 -10.20 -4.64 -18.79
CA THR A 176 -10.62 -3.91 -17.60
C THR A 176 -11.10 -4.88 -16.52
N SER A 177 -10.78 -4.54 -15.27
CA SER A 177 -11.10 -5.33 -14.08
C SER A 177 -10.51 -6.74 -14.08
N HIS A 178 -9.48 -7.03 -14.85
CA HIS A 178 -8.87 -8.36 -14.83
C HIS A 178 -7.57 -8.35 -14.02
N LYS A 179 -7.39 -9.38 -13.21
CA LYS A 179 -6.11 -9.47 -12.51
C LYS A 179 -5.05 -10.12 -13.41
N PRO A 180 -3.80 -9.68 -13.31
CA PRO A 180 -2.76 -10.15 -14.24
C PRO A 180 -2.36 -11.58 -13.98
N ASP A 181 -2.15 -12.34 -15.07
CA ASP A 181 -1.74 -13.74 -14.94
C ASP A 181 -0.45 -13.92 -14.15
N GLU A 182 0.39 -12.89 -14.07
CA GLU A 182 1.67 -13.04 -13.38
C GLU A 182 1.48 -13.49 -11.93
N ILE A 183 0.34 -13.14 -11.31
CA ILE A 183 0.12 -13.48 -9.91
C ILE A 183 0.02 -15.00 -9.73
N TYR A 184 -0.57 -15.70 -10.70
CA TYR A 184 -0.60 -17.16 -10.63
C TYR A 184 0.80 -17.74 -10.74
N GLY A 185 1.65 -17.16 -11.60
CA GLY A 185 3.03 -17.59 -11.63
C GLY A 185 3.71 -17.42 -10.28
N MET A 186 3.57 -16.22 -9.68
CA MET A 186 4.18 -15.95 -8.38
C MET A 186 3.65 -16.90 -7.33
N ILE A 187 2.36 -17.21 -7.36
CA ILE A 187 1.81 -18.13 -6.39
C ILE A 187 2.34 -19.55 -6.61
N GLU A 188 2.38 -20.01 -7.86
CA GLU A 188 2.90 -21.34 -8.16
C GLU A 188 4.35 -21.48 -7.71
N ARG A 189 5.19 -20.50 -8.04
CA ARG A 189 6.56 -20.55 -7.55
C ARG A 189 6.61 -20.63 -6.03
N LEU A 190 5.71 -19.90 -5.37
CA LEU A 190 5.70 -19.86 -3.92
C LEU A 190 5.39 -21.22 -3.32
N SER A 191 4.40 -21.90 -3.87
CA SER A 191 3.87 -23.12 -3.28
C SER A 191 3.53 -24.09 -4.41
N PRO A 192 4.54 -24.71 -5.01
CA PRO A 192 4.31 -25.53 -6.20
C PRO A 192 3.60 -26.83 -5.84
N GLY A 193 2.72 -27.25 -6.74
CA GLY A 193 2.02 -28.51 -6.63
C GLY A 193 0.82 -28.55 -5.71
N THR A 194 0.57 -27.48 -4.94
CA THR A 194 -0.40 -27.52 -3.86
C THR A 194 -1.80 -27.16 -4.34
N ARG A 195 -2.81 -27.54 -3.54
CA ARG A 195 -4.19 -27.16 -3.81
C ARG A 195 -4.43 -25.68 -3.54
N LYS A 196 -5.09 -25.02 -4.48
CA LYS A 196 -5.37 -23.60 -4.39
C LYS A 196 -6.83 -23.33 -4.73
N ILE A 197 -7.39 -22.27 -4.14
CA ILE A 197 -8.78 -21.91 -4.38
C ILE A 197 -8.88 -20.42 -4.62
N GLU A 198 -9.69 -20.04 -5.61
CA GLU A 198 -9.96 -18.65 -5.91
C GLU A 198 -11.41 -18.35 -5.62
N LEU A 199 -11.65 -17.22 -4.96
CA LEU A 199 -12.99 -16.78 -4.63
C LEU A 199 -13.30 -15.59 -5.50
N PHE A 200 -14.50 -15.57 -6.05
CA PHE A 200 -14.96 -14.49 -6.93
C PHE A 200 -14.15 -14.44 -8.21
N GLY A 201 -13.70 -15.59 -8.70
CA GLY A 201 -13.09 -15.65 -9.99
C GLY A 201 -14.11 -15.60 -11.12
N ARG A 202 -13.59 -15.31 -12.31
CA ARG A 202 -14.44 -15.28 -13.49
C ARG A 202 -13.90 -16.32 -14.47
N PRO A 203 -14.60 -16.63 -15.57
CA PRO A 203 -14.24 -17.83 -16.33
C PRO A 203 -12.82 -17.83 -16.87
N HIS A 204 -12.21 -16.66 -17.09
CA HIS A 204 -10.83 -16.64 -17.52
C HIS A 204 -9.84 -16.95 -16.41
N ASN A 205 -10.30 -17.01 -15.16
CA ASN A 205 -9.41 -17.25 -14.03
C ASN A 205 -9.15 -18.73 -13.79
N VAL A 206 -9.78 -19.62 -14.56
CA VAL A 206 -9.56 -21.04 -14.32
C VAL A 206 -8.13 -21.38 -14.68
N GLN A 207 -7.54 -22.26 -13.88
CA GLN A 207 -6.10 -22.49 -13.85
C GLN A 207 -5.78 -23.85 -13.24
N PRO A 208 -4.78 -24.57 -13.77
CA PRO A 208 -4.42 -25.85 -13.17
C PRO A 208 -4.06 -25.68 -11.71
N ASN A 209 -4.34 -26.71 -10.92
CA ASN A 209 -4.19 -26.76 -9.46
C ASN A 209 -5.14 -25.84 -8.73
N TRP A 210 -6.09 -25.17 -9.41
CA TRP A 210 -6.96 -24.19 -8.78
C TRP A 210 -8.43 -24.62 -8.87
N ILE A 211 -9.20 -24.24 -7.86
CA ILE A 211 -10.66 -24.35 -7.87
C ILE A 211 -11.20 -22.94 -7.87
N THR A 212 -11.94 -22.56 -8.90
CA THR A 212 -12.47 -21.21 -9.00
C THR A 212 -13.94 -21.16 -8.61
N LEU A 213 -14.31 -20.21 -7.74
CA LEU A 213 -15.69 -20.00 -7.36
C LEU A 213 -16.13 -18.65 -7.90
N GLY A 214 -17.31 -18.63 -8.51
CA GLY A 214 -17.81 -17.46 -9.20
C GLY A 214 -19.21 -17.72 -9.71
N ASN A 215 -20.05 -16.68 -9.72
CA ASN A 215 -21.44 -16.85 -10.10
C ASN A 215 -21.69 -16.63 -11.57
N GLN A 216 -20.67 -16.22 -12.34
CA GLN A 216 -20.73 -16.15 -13.78
C GLN A 216 -19.89 -17.25 -14.45
N LEU A 217 -19.76 -18.40 -13.79
CA LEU A 217 -19.00 -19.54 -14.31
C LEU A 217 -19.96 -20.58 -14.91
N ASP A 218 -19.41 -21.41 -15.78
CA ASP A 218 -20.19 -22.33 -16.61
C ASP A 218 -20.41 -23.63 -15.85
N GLY A 219 -21.43 -23.63 -14.99
CA GLY A 219 -21.84 -24.87 -14.34
C GLY A 219 -20.93 -25.33 -13.21
N ILE A 220 -20.72 -26.64 -13.10
CA ILE A 220 -19.92 -27.20 -11.99
C ILE A 220 -19.01 -28.29 -12.54
N HIS A 221 -17.72 -28.00 -12.63
CA HIS A 221 -16.74 -28.91 -13.22
C HIS A 221 -15.76 -29.37 -12.15
N LEU A 222 -15.93 -30.60 -11.65
CA LEU A 222 -15.11 -31.11 -10.56
C LEU A 222 -14.55 -32.48 -10.92
N LEU A 223 -13.36 -32.79 -10.40
CA LEU A 223 -12.57 -33.94 -10.84
C LEU A 223 -11.88 -34.65 -9.67
N ASP A 224 -11.37 -33.89 -8.70
CA ASP A 224 -10.77 -34.49 -7.52
C ASP A 224 -11.83 -35.34 -6.81
N PRO A 225 -11.62 -36.65 -6.68
CA PRO A 225 -12.67 -37.51 -6.12
C PRO A 225 -13.24 -37.06 -4.78
N ASP A 226 -12.38 -36.91 -3.75
CA ASP A 226 -12.82 -36.49 -2.43
C ASP A 226 -13.74 -35.28 -2.50
N VAL A 227 -13.41 -34.32 -3.35
CA VAL A 227 -14.28 -33.18 -3.55
C VAL A 227 -15.60 -33.62 -4.18
N VAL A 228 -15.52 -34.41 -5.26
CA VAL A 228 -16.73 -34.91 -5.91
C VAL A 228 -17.57 -35.74 -4.93
N ALA A 229 -16.92 -36.44 -4.00
CA ALA A 229 -17.64 -37.21 -2.99
C ALA A 229 -18.41 -36.30 -2.04
N ARG A 230 -17.70 -35.42 -1.33
CA ARG A 230 -18.37 -34.57 -0.35
C ARG A 230 -19.39 -33.63 -0.99
N PHE A 231 -19.29 -33.41 -2.30
CA PHE A 231 -20.27 -32.59 -3.00
C PHE A 231 -21.55 -33.36 -3.26
N LYS A 232 -21.42 -34.58 -3.78
CA LYS A 232 -22.60 -35.42 -3.97
C LYS A 232 -23.28 -35.72 -2.65
N GLN A 233 -22.49 -35.89 -1.57
CA GLN A 233 -23.07 -36.17 -0.26
C GLN A 233 -23.76 -34.95 0.32
N ARG A 234 -23.30 -33.74 -0.01
CA ARG A 234 -23.90 -32.52 0.49
C ARG A 234 -24.97 -31.95 -0.44
N TYR A 235 -24.82 -32.11 -1.75
CA TYR A 235 -25.80 -31.59 -2.71
C TYR A 235 -26.34 -32.69 -3.61
N PRO A 236 -27.04 -33.70 -3.05
CA PRO A 236 -27.52 -34.82 -3.91
C PRO A 236 -28.24 -34.37 -5.17
N ASP A 237 -29.19 -33.45 -5.07
CA ASP A 237 -29.88 -32.92 -6.23
C ASP A 237 -29.19 -31.70 -6.83
N GLY A 238 -27.91 -31.51 -6.52
CA GLY A 238 -27.06 -30.50 -7.15
C GLY A 238 -27.60 -29.09 -7.34
N ILE A 239 -27.95 -28.40 -6.26
CA ILE A 239 -28.37 -27.01 -6.35
C ILE A 239 -28.19 -26.33 -5.00
N ILE A 240 -27.25 -25.39 -4.92
CA ILE A 240 -26.99 -24.63 -3.70
C ILE A 240 -28.25 -23.90 -3.21
N ASP B 13 5.94 -13.39 -16.77
CA ASP B 13 6.48 -12.41 -17.71
C ASP B 13 7.71 -11.71 -17.11
N TYR B 14 7.47 -10.58 -16.41
CA TYR B 14 8.56 -9.87 -15.77
C TYR B 14 8.89 -10.42 -14.39
N CYS B 15 7.94 -11.08 -13.72
CA CYS B 15 8.23 -11.73 -12.45
C CYS B 15 8.88 -13.09 -12.65
N GLN B 16 8.55 -13.79 -13.75
CA GLN B 16 9.38 -14.92 -14.17
C GLN B 16 10.81 -14.46 -14.41
N HIS B 17 10.98 -13.27 -15.00
CA HIS B 17 12.30 -12.76 -15.38
C HIS B 17 13.13 -12.38 -14.16
N PHE B 18 12.52 -11.79 -13.13
CA PHE B 18 13.28 -11.44 -11.94
C PHE B 18 13.79 -12.68 -11.22
N VAL B 19 13.01 -13.76 -11.23
CA VAL B 19 13.46 -15.05 -10.72
C VAL B 19 14.57 -15.62 -11.60
N ASP B 20 14.74 -15.11 -12.82
CA ASP B 20 15.77 -15.53 -13.77
C ASP B 20 17.07 -14.71 -13.60
N THR B 21 16.98 -13.37 -13.67
CA THR B 21 18.15 -12.53 -13.90
C THR B 21 18.53 -11.60 -12.75
N GLY B 22 17.65 -11.40 -11.76
CA GLY B 22 17.95 -10.46 -10.69
C GLY B 22 17.48 -9.04 -10.90
N HIS B 23 16.78 -8.78 -12.00
CA HIS B 23 16.24 -7.45 -12.27
C HIS B 23 14.80 -7.41 -11.77
N ARG B 24 14.52 -6.52 -10.82
CA ARG B 24 13.16 -6.31 -10.38
C ARG B 24 12.29 -5.91 -11.57
N PRO B 25 11.05 -6.38 -11.64
CA PRO B 25 10.15 -5.94 -12.71
C PRO B 25 10.19 -4.44 -12.96
N GLN B 26 10.31 -3.63 -11.91
CA GLN B 26 10.25 -2.19 -12.08
C GLN B 26 11.46 -1.61 -12.77
N ASN B 27 12.54 -2.40 -12.92
CA ASN B 27 13.70 -1.93 -13.67
C ASN B 27 13.35 -1.57 -15.11
N PHE B 28 12.21 -2.02 -15.61
CA PHE B 28 11.87 -1.96 -17.02
C PHE B 28 10.79 -0.93 -17.34
N ILE B 29 10.39 -0.12 -16.37
CA ILE B 29 9.37 0.88 -16.65
C ILE B 29 10.04 2.06 -17.33
N ARG B 30 9.40 2.56 -18.39
CA ARG B 30 9.96 3.63 -19.19
C ARG B 30 9.25 4.96 -18.89
N ASP B 31 10.00 6.06 -19.06
CA ASP B 31 9.50 7.41 -18.81
C ASP B 31 9.14 7.58 -17.34
N VAL B 32 10.16 7.66 -16.49
CA VAL B 32 9.98 7.63 -15.04
C VAL B 32 10.96 8.57 -14.35
N GLU B 46 0.15 19.28 -20.16
CA GLU B 46 1.50 19.46 -20.70
C GLU B 46 2.44 20.22 -19.74
N LEU B 47 2.50 21.55 -19.85
CA LEU B 47 3.44 22.34 -19.06
C LEU B 47 2.75 22.89 -17.82
N ILE B 48 2.84 22.15 -16.71
CA ILE B 48 2.43 22.63 -15.39
C ILE B 48 3.63 23.26 -14.71
N ARG B 49 4.39 24.07 -15.45
CA ARG B 49 5.63 24.64 -14.92
C ARG B 49 5.37 25.91 -14.13
N LEU B 50 4.48 26.77 -14.64
CA LEU B 50 4.15 28.00 -13.92
C LEU B 50 3.59 27.71 -12.53
N LYS B 51 2.89 26.58 -12.36
CA LYS B 51 2.51 26.15 -11.02
C LYS B 51 3.72 26.16 -10.09
N ASP B 52 4.79 25.42 -10.48
CA ASP B 52 6.01 25.39 -9.69
C ASP B 52 6.56 26.78 -9.39
N GLU B 53 6.30 27.76 -10.27
CA GLU B 53 6.72 29.11 -9.99
C GLU B 53 5.85 29.74 -8.91
N LEU B 54 4.56 29.43 -8.92
CA LEU B 54 3.68 29.97 -7.90
C LEU B 54 3.95 29.35 -6.54
N ILE B 55 4.21 28.04 -6.48
CA ILE B 55 4.67 27.46 -5.23
C ILE B 55 5.93 28.18 -4.76
N ALA B 56 6.86 28.41 -5.68
CA ALA B 56 8.14 28.98 -5.31
C ALA B 56 8.01 30.43 -4.85
N LYS B 57 7.09 31.20 -5.44
CA LYS B 57 6.95 32.58 -4.99
C LYS B 57 6.25 32.63 -3.64
N SER B 58 5.23 31.78 -3.45
CA SER B 58 4.48 31.68 -2.21
C SER B 58 5.31 31.17 -1.04
N ASN B 59 6.38 30.42 -1.30
CA ASN B 59 7.12 29.70 -0.26
C ASN B 59 7.70 30.60 0.82
N THR B 60 7.36 30.30 2.07
CA THR B 60 8.02 30.90 3.22
C THR B 60 9.52 30.60 3.16
N PRO B 61 10.34 31.43 3.78
CA PRO B 61 11.74 31.05 3.94
C PRO B 61 11.81 29.76 4.74
N PRO B 62 12.82 28.95 4.53
CA PRO B 62 12.90 27.69 5.26
C PRO B 62 13.22 27.96 6.71
N MET B 63 12.54 27.24 7.60
CA MET B 63 12.82 27.31 9.02
C MET B 63 13.08 25.90 9.53
N TYR B 64 13.93 25.81 10.56
CA TYR B 64 14.38 24.50 11.00
C TYR B 64 14.69 24.59 12.49
N LEU B 65 14.60 23.43 13.18
CA LEU B 65 14.80 23.44 14.62
C LEU B 65 15.30 22.07 15.10
N GLN B 66 16.52 22.02 15.61
CA GLN B 66 16.99 20.84 16.34
C GLN B 66 16.08 20.56 17.54
N ALA B 67 15.59 19.33 17.65
CA ALA B 67 14.72 18.96 18.76
C ALA B 67 14.68 17.46 18.89
N ASP B 68 14.87 16.94 20.11
CA ASP B 68 14.68 15.51 20.38
C ASP B 68 13.19 15.29 20.55
N ILE B 69 12.55 14.72 19.52
CA ILE B 69 11.11 14.73 19.46
C ILE B 69 10.52 13.76 20.48
N GLU B 70 11.27 12.73 20.88
CA GLU B 70 10.86 11.95 22.05
C GLU B 70 10.54 12.86 23.24
N ALA B 71 11.45 13.79 23.53
CA ALA B 71 11.47 14.53 24.78
C ALA B 71 10.91 15.92 24.64
N PHE B 72 10.38 16.26 23.48
CA PHE B 72 10.07 17.64 23.12
C PHE B 72 8.57 17.82 23.21
N ASP B 73 8.13 18.74 24.05
CA ASP B 73 6.69 19.02 24.04
C ASP B 73 6.36 19.56 22.67
N ILE B 74 5.67 18.74 21.89
CA ILE B 74 5.31 19.11 20.54
C ILE B 74 4.49 20.38 20.50
N ARG B 75 3.71 20.65 21.57
CA ARG B 75 2.81 21.80 21.54
C ARG B 75 3.55 23.10 21.25
N GLU B 76 4.81 23.20 21.70
CA GLU B 76 5.65 24.39 21.47
C GLU B 76 5.84 24.71 19.99
N LEU B 77 5.26 23.89 19.09
CA LEU B 77 5.25 24.16 17.65
C LEU B 77 3.92 24.79 17.30
N THR B 78 3.95 26.05 16.90
CA THR B 78 2.76 26.76 16.48
C THR B 78 3.06 27.55 15.21
N PRO B 79 2.01 27.91 14.43
CA PRO B 79 0.60 27.61 14.71
C PRO B 79 0.25 26.17 14.41
N LYS B 80 -0.97 25.93 14.01
CA LYS B 80 -1.36 24.59 13.66
C LYS B 80 -1.11 24.42 12.17
N PHE B 81 -0.77 23.21 11.76
CA PHE B 81 -0.16 22.97 10.46
C PHE B 81 -1.20 22.52 9.46
N ASP B 82 -1.03 22.96 8.21
CA ASP B 82 -1.87 22.50 7.13
C ASP B 82 -1.40 21.16 6.57
N VAL B 83 -0.10 20.89 6.65
CA VAL B 83 0.50 19.68 6.12
C VAL B 83 1.56 19.20 7.11
N ILE B 84 1.56 17.91 7.38
CA ILE B 84 2.58 17.30 8.20
C ILE B 84 3.11 16.10 7.45
N LEU B 85 4.44 16.05 7.32
CA LEU B 85 5.17 14.98 6.68
C LEU B 85 6.00 14.37 7.80
N LEU B 86 5.87 13.08 7.99
CA LEU B 86 6.31 12.44 9.23
C LEU B 86 7.13 11.26 8.79
N GLU B 87 8.43 11.35 9.01
CA GLU B 87 9.41 10.42 8.47
C GLU B 87 10.21 9.82 9.62
N PRO B 88 9.52 9.10 10.53
CA PRO B 88 10.20 8.63 11.73
C PRO B 88 11.22 7.57 11.38
N PRO B 89 12.33 7.50 12.10
CA PRO B 89 13.41 6.58 11.74
C PRO B 89 13.16 5.14 12.15
N LEU B 90 12.65 4.33 11.23
CA LEU B 90 12.28 2.97 11.53
C LEU B 90 13.51 2.09 11.68
N GLU B 91 13.43 1.16 12.64
CA GLU B 91 14.48 0.15 12.80
C GLU B 91 14.70 -0.64 11.51
N GLU B 92 13.67 -0.74 10.65
CA GLU B 92 13.85 -1.48 9.42
C GLU B 92 14.70 -0.74 8.39
N TYR B 93 14.85 0.58 8.51
CA TYR B 93 15.71 1.30 7.55
C TYR B 93 17.18 0.95 7.75
N TYR B 94 17.56 0.56 8.96
CA TYR B 94 18.90 0.07 9.26
C TYR B 94 18.92 -1.45 9.30
N ARG B 95 18.45 -2.06 8.19
CA ARG B 95 18.52 -3.50 7.99
C ARG B 95 19.86 -3.93 7.38
N GLU B 96 20.92 -3.19 7.66
CA GLU B 96 22.22 -3.38 7.05
C GLU B 96 23.20 -2.41 7.70
N THR B 97 22.68 -1.37 8.33
CA THR B 97 23.49 -0.38 9.04
C THR B 97 22.74 0.25 10.22
N LYS B 104 19.18 6.68 16.98
CA LYS B 104 18.18 5.98 17.78
C LYS B 104 16.92 5.64 16.96
N CYS B 105 16.62 4.34 16.77
CA CYS B 105 15.44 3.97 15.97
C CYS B 105 14.16 4.11 16.78
N TRP B 106 13.08 4.53 16.10
CA TRP B 106 11.76 4.62 16.71
C TRP B 106 10.96 3.35 16.39
N THR B 107 10.28 2.82 17.39
CA THR B 107 9.32 1.75 17.19
C THR B 107 7.97 2.36 16.89
N TRP B 108 7.05 1.55 16.41
CA TRP B 108 5.72 2.09 16.19
C TRP B 108 5.02 2.33 17.50
N ASP B 109 5.44 1.65 18.56
CA ASP B 109 5.10 2.02 19.92
C ASP B 109 5.36 3.50 20.13
N ASP B 110 6.60 3.94 19.84
CA ASP B 110 6.99 5.34 20.06
C ASP B 110 6.20 6.29 19.17
N ILE B 111 6.15 6.02 17.86
CA ILE B 111 5.47 6.90 16.91
C ILE B 111 4.03 7.14 17.36
N MET B 112 3.34 6.05 17.67
CA MET B 112 1.91 6.09 17.95
C MET B 112 1.59 6.92 19.19
N LYS B 113 2.59 7.19 20.04
CA LYS B 113 2.40 8.03 21.21
C LYS B 113 2.62 9.50 20.93
N LEU B 114 3.06 9.87 19.72
CA LEU B 114 3.19 11.27 19.39
C LEU B 114 1.83 11.91 19.46
N GLU B 115 1.77 13.15 19.92
CA GLU B 115 0.50 13.84 20.02
C GLU B 115 0.28 14.70 18.77
N ILE B 116 0.23 14.01 17.62
CA ILE B 116 0.15 14.72 16.33
C ILE B 116 -1.12 15.54 16.23
N ASP B 117 -2.22 15.05 16.80
CA ASP B 117 -3.48 15.76 16.69
C ASP B 117 -3.44 17.14 17.33
N GLU B 118 -2.50 17.38 18.25
CA GLU B 118 -2.44 18.67 18.93
C GLU B 118 -1.93 19.79 18.03
N ILE B 119 -1.20 19.47 16.95
CA ILE B 119 -0.61 20.52 16.13
C ILE B 119 -1.17 20.51 14.71
N ALA B 120 -2.16 19.69 14.43
CA ALA B 120 -2.75 19.63 13.11
C ALA B 120 -3.94 20.57 13.03
N ALA B 121 -3.91 21.46 12.06
CA ALA B 121 -5.05 22.33 11.86
C ALA B 121 -6.32 21.49 11.70
N PRO B 122 -7.47 22.03 12.12
CA PRO B 122 -8.76 21.34 11.93
C PRO B 122 -8.92 20.68 10.57
N ARG B 123 -8.52 21.37 9.51
CA ARG B 123 -8.46 20.78 8.17
C ARG B 123 -7.00 20.75 7.80
N SER B 124 -6.47 19.55 7.58
CA SER B 124 -5.04 19.39 7.40
C SER B 124 -4.78 18.01 6.84
N PHE B 125 -3.54 17.80 6.45
CA PHE B 125 -3.13 16.61 5.74
C PHE B 125 -1.88 16.06 6.40
N ILE B 126 -1.71 14.75 6.33
CA ILE B 126 -0.51 14.13 6.83
C ILE B 126 0.01 13.18 5.74
N PHE B 127 1.33 13.10 5.65
CA PHE B 127 2.00 12.11 4.83
C PHE B 127 2.98 11.40 5.74
N LEU B 128 2.80 10.10 5.90
CA LEU B 128 3.52 9.31 6.89
C LEU B 128 4.29 8.22 6.16
N TRP B 129 5.61 8.22 6.34
CA TRP B 129 6.41 7.16 5.73
C TRP B 129 6.28 5.93 6.62
N CYS B 130 5.75 4.85 6.05
CA CYS B 130 5.41 3.64 6.81
C CYS B 130 6.34 2.48 6.54
N GLY B 131 7.20 2.57 5.53
CA GLY B 131 8.15 1.51 5.29
C GLY B 131 7.46 0.45 4.49
N SER B 132 7.68 -0.82 4.82
CA SER B 132 6.92 -1.88 4.15
C SER B 132 6.68 -3.11 5.02
N GLY B 133 6.72 -2.99 6.34
CA GLY B 133 6.35 -4.11 7.18
C GLY B 133 5.07 -3.90 7.94
N GLU B 134 5.14 -4.16 9.26
CA GLU B 134 4.08 -3.82 10.17
C GLU B 134 3.60 -2.38 9.98
N GLY B 135 4.50 -1.50 9.55
CA GLY B 135 4.14 -0.10 9.40
C GLY B 135 2.92 0.12 8.52
N LEU B 136 2.70 -0.75 7.54
CA LEU B 136 1.56 -0.55 6.68
C LEU B 136 0.28 -0.74 7.44
N ASP B 137 0.34 -1.47 8.56
CA ASP B 137 -0.80 -1.65 9.45
C ASP B 137 -0.77 -0.64 10.59
N LEU B 138 0.32 -0.64 11.37
CA LEU B 138 0.42 0.28 12.49
C LEU B 138 0.26 1.73 12.05
N GLY B 139 0.86 2.11 10.91
CA GLY B 139 0.70 3.48 10.44
C GLY B 139 -0.74 3.86 10.21
N ARG B 140 -1.59 2.90 9.87
CA ARG B 140 -3.01 3.21 9.73
C ARG B 140 -3.67 3.35 11.10
N VAL B 141 -3.23 2.57 12.09
CA VAL B 141 -3.71 2.80 13.44
C VAL B 141 -3.40 4.24 13.86
N CYS B 142 -2.18 4.70 13.55
CA CYS B 142 -1.79 6.08 13.83
C CYS B 142 -2.69 7.07 13.09
N LEU B 143 -2.85 6.89 11.78
CA LEU B 143 -3.68 7.85 11.04
C LEU B 143 -5.03 8.03 11.72
N ARG B 144 -5.60 6.93 12.25
CA ARG B 144 -6.89 7.04 12.92
C ARG B 144 -6.75 7.57 14.33
N LYS B 145 -5.67 7.23 15.02
CA LYS B 145 -5.50 7.73 16.38
C LYS B 145 -5.47 9.26 16.40
N TRP B 146 -5.03 9.87 15.31
CA TRP B 146 -4.81 11.31 15.26
C TRP B 146 -5.92 12.04 14.53
N GLY B 147 -6.89 11.30 13.99
CA GLY B 147 -8.06 11.88 13.38
C GLY B 147 -8.11 11.89 11.88
N TYR B 148 -7.20 11.19 11.20
CA TYR B 148 -7.16 11.24 9.74
C TYR B 148 -7.83 10.02 9.15
N ARG B 149 -8.39 10.17 7.96
CA ARG B 149 -8.74 9.06 7.09
C ARG B 149 -7.65 8.90 6.04
N ARG B 150 -7.39 7.65 5.66
CA ARG B 150 -6.45 7.43 4.58
C ARG B 150 -7.08 7.83 3.24
N CYS B 151 -6.33 8.59 2.45
CA CYS B 151 -6.79 9.16 1.20
C CYS B 151 -6.12 8.54 -0.01
N GLU B 152 -4.81 8.32 0.09
CA GLU B 152 -3.97 7.79 -0.96
C GLU B 152 -2.83 7.02 -0.32
N ASP B 153 -2.49 5.91 -0.95
CA ASP B 153 -1.31 5.11 -0.63
C ASP B 153 -0.31 5.39 -1.74
N ILE B 154 0.77 6.08 -1.44
CA ILE B 154 1.79 6.40 -2.42
C ILE B 154 2.95 5.43 -2.27
N CYS B 155 3.31 4.74 -3.34
CA CYS B 155 4.39 3.76 -3.27
C CYS B 155 5.68 4.30 -3.85
N TRP B 156 6.74 4.22 -3.06
CA TRP B 156 8.10 4.42 -3.58
C TRP B 156 8.63 3.09 -4.07
N ILE B 157 8.69 2.92 -5.38
CA ILE B 157 9.14 1.68 -6.01
C ILE B 157 10.61 1.81 -6.38
N LYS B 158 11.44 0.92 -5.82
CA LYS B 158 12.90 1.06 -5.92
C LYS B 158 13.48 0.10 -6.96
N THR B 159 14.00 0.65 -8.06
CA THR B 159 14.72 -0.16 -9.04
C THR B 159 16.14 -0.48 -8.57
N ASN B 160 16.70 -1.56 -9.12
CA ASN B 160 18.09 -1.95 -8.84
C ASN B 160 18.85 -2.20 -10.15
N LYS B 161 18.79 -1.22 -11.06
CA LYS B 161 19.45 -1.38 -12.35
C LYS B 161 20.96 -1.39 -12.24
N ASN B 162 21.51 -0.91 -11.13
CA ASN B 162 22.96 -0.78 -10.96
C ASN B 162 23.56 -1.84 -10.06
N ASN B 163 22.74 -2.67 -9.44
CA ASN B 163 23.24 -3.77 -8.64
C ASN B 163 22.19 -4.88 -8.65
N PRO B 164 21.97 -5.53 -9.80
CA PRO B 164 20.96 -6.59 -9.84
C PRO B 164 21.35 -7.82 -9.05
N GLY B 165 22.64 -8.12 -8.96
CA GLY B 165 23.06 -9.36 -8.33
C GLY B 165 23.06 -9.35 -6.81
N LYS B 166 22.41 -8.33 -6.23
CA LYS B 166 22.29 -8.18 -4.78
C LYS B 166 20.80 -8.24 -4.44
N THR B 167 20.34 -9.41 -3.98
CA THR B 167 18.96 -9.61 -3.57
C THR B 167 18.75 -8.98 -2.18
N LYS B 168 17.65 -9.31 -1.52
CA LYS B 168 17.28 -8.67 -0.27
C LYS B 168 17.29 -9.67 0.87
N THR B 169 17.77 -9.24 2.04
CA THR B 169 17.66 -10.02 3.26
C THR B 169 16.29 -9.77 3.88
N LEU B 170 15.40 -10.75 3.77
CA LEU B 170 14.00 -10.55 4.11
C LEU B 170 13.78 -10.56 5.62
N ASP B 171 12.77 -9.83 6.06
CA ASP B 171 12.18 -10.04 7.38
C ASP B 171 11.72 -11.49 7.45
N PRO B 172 11.89 -12.15 8.60
CA PRO B 172 11.37 -13.53 8.75
C PRO B 172 9.93 -13.69 8.30
N LYS B 173 9.06 -12.75 8.67
CA LYS B 173 7.66 -12.83 8.27
C LYS B 173 7.46 -12.67 6.78
N ALA B 174 8.48 -12.25 6.04
CA ALA B 174 8.30 -11.91 4.64
C ALA B 174 8.01 -13.14 3.79
N VAL B 175 7.09 -12.96 2.85
CA VAL B 175 6.86 -13.96 1.83
C VAL B 175 7.67 -13.64 0.58
N PHE B 176 7.90 -12.37 0.31
CA PHE B 176 8.48 -11.96 -0.95
C PHE B 176 9.60 -10.98 -0.68
N GLN B 177 10.45 -10.80 -1.69
CA GLN B 177 11.44 -9.75 -1.59
C GLN B 177 10.69 -8.42 -1.50
N ARG B 178 11.07 -7.59 -0.53
CA ARG B 178 10.45 -6.28 -0.35
C ARG B 178 11.30 -5.22 -1.06
N THR B 179 10.70 -4.53 -2.04
CA THR B 179 11.38 -3.61 -2.95
C THR B 179 10.65 -2.27 -3.07
N LYS B 180 9.95 -1.84 -2.03
CA LYS B 180 9.23 -0.58 -2.06
C LYS B 180 8.99 -0.12 -0.62
N GLU B 181 8.54 1.13 -0.51
CA GLU B 181 8.12 1.72 0.74
C GLU B 181 6.79 2.45 0.49
N HIS B 182 5.96 2.56 1.54
CA HIS B 182 4.67 3.24 1.41
C HIS B 182 4.65 4.55 2.18
N CYS B 183 4.08 5.58 1.57
CA CYS B 183 3.85 6.85 2.23
C CYS B 183 2.34 7.09 2.27
N LEU B 184 1.72 6.85 3.42
CA LEU B 184 0.26 6.98 3.53
C LEU B 184 -0.17 8.45 3.63
N MET B 185 -1.17 8.81 2.83
CA MET B 185 -1.77 10.14 2.88
C MET B 185 -3.05 10.13 3.70
N GLY B 186 -3.14 11.03 4.66
CA GLY B 186 -4.34 11.18 5.46
C GLY B 186 -4.84 12.61 5.48
N ILE B 187 -6.16 12.76 5.55
CA ILE B 187 -6.84 14.05 5.65
C ILE B 187 -7.72 14.05 6.90
N LYS B 188 -8.02 15.26 7.40
CA LYS B 188 -9.03 15.45 8.43
C LYS B 188 -9.81 16.72 8.13
N GLY B 189 -11.10 16.69 8.39
CA GLY B 189 -11.97 17.80 8.04
C GLY B 189 -12.44 17.71 6.60
N THR B 190 -12.95 18.82 6.08
CA THR B 190 -13.43 18.87 4.69
C THR B 190 -12.31 18.65 3.67
N VAL B 204 -3.61 15.38 -10.82
CA VAL B 204 -2.48 15.89 -11.61
C VAL B 204 -1.26 14.96 -11.51
N ASP B 205 -1.03 14.38 -10.33
CA ASP B 205 0.12 13.51 -10.08
C ASP B 205 -0.33 12.04 -9.94
N ILE B 206 0.68 11.17 -9.89
CA ILE B 206 0.48 9.73 -9.82
C ILE B 206 0.85 9.25 -8.42
N ASP B 207 0.31 8.10 -8.02
CA ASP B 207 0.62 7.58 -6.69
C ASP B 207 1.83 6.65 -6.69
N LEU B 208 2.72 6.79 -7.67
CA LEU B 208 3.94 6.01 -7.76
C LEU B 208 5.16 6.92 -7.81
N ILE B 209 6.22 6.53 -7.12
CA ILE B 209 7.54 7.16 -7.21
C ILE B 209 8.57 6.09 -7.56
N ILE B 210 9.19 6.20 -8.72
CA ILE B 210 10.17 5.21 -9.18
C ILE B 210 11.56 5.84 -9.17
N THR B 211 12.43 5.34 -8.32
CA THR B 211 13.84 5.68 -8.33
C THR B 211 14.66 4.45 -7.98
N GLU B 212 15.97 4.62 -7.98
CA GLU B 212 16.89 3.52 -7.72
C GLU B 212 17.13 3.39 -6.21
N GLU B 213 17.21 2.16 -5.74
CA GLU B 213 17.43 1.87 -4.33
C GLU B 213 18.66 2.62 -3.81
N PRO B 214 18.54 3.39 -2.74
CA PRO B 214 19.73 4.02 -2.15
C PRO B 214 20.73 2.99 -1.66
N GLU B 215 21.98 3.44 -1.55
CA GLU B 215 23.02 2.63 -0.94
C GLU B 215 22.58 2.16 0.44
N ILE B 216 23.03 0.95 0.81
CA ILE B 216 22.68 0.42 2.12
C ILE B 216 23.05 1.44 3.18
N GLY B 217 22.13 1.72 4.09
CA GLY B 217 22.38 2.69 5.12
C GLY B 217 22.10 4.14 4.77
N ASN B 218 21.85 4.45 3.50
CA ASN B 218 21.27 5.75 3.18
C ASN B 218 19.76 5.65 3.34
N ILE B 219 19.18 6.59 4.09
CA ILE B 219 17.78 6.48 4.44
C ILE B 219 16.94 7.63 3.88
N GLU B 220 17.53 8.46 3.03
CA GLU B 220 16.78 9.57 2.45
C GLU B 220 15.59 9.06 1.66
N LYS B 221 14.43 9.76 1.78
CA LYS B 221 13.30 9.39 0.94
C LYS B 221 13.32 10.24 -0.32
N PRO B 222 12.89 9.69 -1.43
CA PRO B 222 12.87 10.46 -2.66
C PRO B 222 12.27 11.84 -2.46
N VAL B 223 13.05 12.84 -2.83
CA VAL B 223 12.64 14.22 -2.81
C VAL B 223 11.35 14.43 -3.58
N GLU B 224 10.99 13.47 -4.44
CA GLU B 224 9.77 13.66 -5.23
C GLU B 224 8.53 13.73 -4.37
N ILE B 225 8.56 13.17 -3.17
CA ILE B 225 7.42 13.28 -2.27
C ILE B 225 7.07 14.74 -2.03
N PHE B 226 8.08 15.62 -1.96
CA PHE B 226 7.80 17.03 -1.71
C PHE B 226 7.11 17.69 -2.89
N HIS B 227 7.37 17.20 -4.10
CA HIS B 227 6.68 17.78 -5.24
C HIS B 227 5.23 17.36 -5.26
N ILE B 228 4.97 16.08 -5.01
CA ILE B 228 3.59 15.61 -4.93
C ILE B 228 2.83 16.41 -3.90
N ILE B 229 3.40 16.57 -2.71
CA ILE B 229 2.71 17.32 -1.67
C ILE B 229 2.47 18.76 -2.11
N GLU B 230 3.53 19.44 -2.57
CA GLU B 230 3.44 20.85 -2.92
C GLU B 230 2.43 21.10 -4.04
N HIS B 231 2.30 20.16 -4.99
CA HIS B 231 1.35 20.34 -6.09
C HIS B 231 -0.10 20.18 -5.65
N PHE B 232 -0.37 19.68 -4.44
CA PHE B 232 -1.74 19.60 -3.96
C PHE B 232 -2.30 20.96 -3.54
N CYS B 233 -1.42 21.91 -3.20
CA CYS B 233 -1.80 23.27 -2.78
C CYS B 233 -2.67 23.23 -1.52
N LEU B 234 -2.14 22.62 -0.46
CA LEU B 234 -2.93 22.29 0.72
C LEU B 234 -2.90 23.36 1.80
N GLY B 235 -2.04 24.36 1.67
CA GLY B 235 -1.79 25.31 2.73
C GLY B 235 -0.30 25.61 2.79
N ARG B 236 0.05 26.68 3.48
CA ARG B 236 1.45 27.07 3.50
C ARG B 236 2.14 26.74 4.80
N ARG B 237 1.42 26.26 5.80
CA ARG B 237 2.08 25.86 7.05
C ARG B 237 2.44 24.39 6.93
N ARG B 238 3.71 24.11 6.58
CA ARG B 238 4.18 22.75 6.31
C ARG B 238 5.26 22.34 7.29
N LEU B 239 5.09 21.15 7.88
CA LEU B 239 5.91 20.66 8.98
C LEU B 239 6.48 19.31 8.58
N HIS B 240 7.78 19.14 8.75
CA HIS B 240 8.47 17.89 8.43
C HIS B 240 9.14 17.40 9.67
N LEU B 241 8.57 16.38 10.29
CA LEU B 241 9.12 15.85 11.51
C LEU B 241 10.16 14.79 11.16
N PHE B 242 11.27 14.83 11.89
CA PHE B 242 12.42 13.96 11.68
C PHE B 242 13.11 14.21 10.37
N GLY B 243 12.98 15.42 9.83
CA GLY B 243 13.82 15.87 8.73
C GLY B 243 15.26 15.98 9.16
N ARG B 244 16.15 16.28 8.22
CA ARG B 244 17.57 16.41 8.49
C ARG B 244 18.07 17.65 7.77
N ASP B 245 19.31 18.04 8.07
CA ASP B 245 19.95 19.08 7.27
C ASP B 245 19.70 18.87 5.77
N SER B 246 19.93 17.65 5.26
CA SER B 246 19.76 17.39 3.84
C SER B 246 18.35 17.57 3.32
N THR B 247 17.33 17.69 4.18
CA THR B 247 15.96 17.82 3.70
C THR B 247 15.41 19.24 3.84
N ILE B 248 16.15 20.14 4.50
CA ILE B 248 15.63 21.49 4.70
C ILE B 248 15.30 22.11 3.33
N ARG B 249 14.36 23.02 3.34
CA ARG B 249 13.73 23.29 2.06
C ARG B 249 12.80 24.50 2.16
N PRO B 250 12.76 25.37 1.17
CA PRO B 250 11.80 26.48 1.23
C PRO B 250 10.40 25.94 1.39
N GLY B 251 9.55 26.74 2.01
CA GLY B 251 8.18 26.34 2.23
C GLY B 251 7.94 25.37 3.36
N TRP B 252 8.94 25.09 4.18
CA TRP B 252 8.79 24.04 5.17
C TRP B 252 9.44 24.45 6.47
N LEU B 253 8.88 23.95 7.56
CA LEU B 253 9.53 23.95 8.85
C LEU B 253 9.97 22.52 9.13
N THR B 254 11.27 22.34 9.37
CA THR B 254 11.85 21.05 9.63
C THR B 254 12.21 20.92 11.10
N VAL B 255 11.77 19.85 11.75
CA VAL B 255 12.11 19.56 13.13
C VAL B 255 12.66 18.14 13.23
N GLY B 256 13.83 17.99 13.85
CA GLY B 256 14.43 16.68 13.99
C GLY B 256 15.65 16.70 14.88
N PRO B 257 16.01 15.55 15.44
CA PRO B 257 17.13 15.52 16.39
C PRO B 257 18.50 15.75 15.77
N THR B 258 18.73 15.39 14.52
CA THR B 258 20.07 15.48 13.96
C THR B 258 20.39 16.81 13.29
N LEU B 259 19.44 17.73 13.20
CA LEU B 259 19.76 19.06 12.71
C LEU B 259 20.93 19.63 13.52
N THR B 260 21.84 20.29 12.81
CA THR B 260 22.99 20.93 13.42
C THR B 260 22.77 22.39 13.71
N ASN B 261 21.75 23.01 13.13
CA ASN B 261 21.49 24.42 13.35
C ASN B 261 19.99 24.66 13.41
N SER B 262 19.61 25.72 14.10
CA SER B 262 18.21 26.05 14.17
C SER B 262 18.08 27.54 13.98
N ASN B 263 16.95 27.92 13.41
CA ASN B 263 16.61 29.31 13.26
C ASN B 263 15.16 29.56 13.60
N TYR B 264 14.48 28.59 14.24
CA TYR B 264 13.05 28.68 14.50
C TYR B 264 12.75 29.78 15.51
N ASN B 265 11.74 30.59 15.20
CA ASN B 265 11.14 31.48 16.17
C ASN B 265 9.65 31.49 15.92
N ALA B 266 8.88 31.04 16.92
CA ALA B 266 7.43 30.91 16.77
C ALA B 266 6.79 32.21 16.30
N GLU B 267 7.23 33.34 16.86
CA GLU B 267 6.66 34.62 16.41
C GLU B 267 7.11 34.94 15.00
N THR B 268 8.40 34.76 14.69
CA THR B 268 8.84 34.97 13.31
C THR B 268 8.07 34.07 12.35
N TYR B 269 7.92 32.78 12.71
CA TYR B 269 7.17 31.86 11.85
C TYR B 269 5.73 32.31 11.69
N ALA B 270 5.05 32.54 12.82
CA ALA B 270 3.66 32.97 12.78
C ALA B 270 3.47 34.18 11.90
N SER B 271 4.44 35.10 11.94
CA SER B 271 4.39 36.32 11.13
C SER B 271 4.16 36.06 9.66
N TYR B 272 4.58 34.89 9.15
CA TYR B 272 4.48 34.60 7.73
C TYR B 272 3.06 34.37 7.26
N PHE B 273 2.12 34.12 8.18
CA PHE B 273 0.76 33.72 7.85
C PHE B 273 -0.28 34.66 8.45
N SER B 274 0.14 35.78 9.03
CA SER B 274 -0.85 36.75 9.47
C SER B 274 -1.51 37.39 8.25
N ALA B 275 -2.67 37.99 8.47
CA ALA B 275 -3.44 38.52 7.36
C ALA B 275 -2.60 39.52 6.58
N PRO B 276 -2.74 39.57 5.25
CA PRO B 276 -3.73 38.83 4.47
C PRO B 276 -3.19 37.54 3.81
N ASN B 277 -2.36 36.78 4.54
CA ASN B 277 -1.70 35.61 3.97
C ASN B 277 -2.15 34.29 4.60
N SER B 278 -3.14 34.35 5.49
CA SER B 278 -3.45 33.21 6.36
C SER B 278 -3.95 32.01 5.60
N TYR B 279 -4.67 32.22 4.49
CA TYR B 279 -5.44 31.15 3.87
C TYR B 279 -4.97 30.76 2.48
N LEU B 280 -3.85 31.32 2.01
CA LEU B 280 -3.33 31.01 0.68
C LEU B 280 -3.13 29.50 0.55
N THR B 281 -3.40 28.98 -0.64
CA THR B 281 -3.16 27.56 -0.90
C THR B 281 -1.68 27.23 -0.95
N GLY B 282 -0.82 28.23 -1.13
CA GLY B 282 0.55 27.99 -1.53
C GLY B 282 0.77 27.98 -3.03
N CYS B 283 -0.30 28.08 -3.82
CA CYS B 283 -0.22 27.98 -5.27
C CYS B 283 -0.74 29.22 -5.97
N THR B 284 -0.91 30.32 -5.25
CA THR B 284 -1.49 31.55 -5.82
C THR B 284 -0.45 32.66 -5.75
N GLU B 285 -0.77 33.78 -6.39
CA GLU B 285 0.08 34.96 -6.31
C GLU B 285 0.02 35.54 -4.90
N GLU B 286 1.17 35.96 -4.38
CA GLU B 286 1.20 36.54 -3.04
C GLU B 286 0.41 37.85 -3.03
N ILE B 287 -0.17 38.16 -1.86
CA ILE B 287 -0.98 39.37 -1.71
C ILE B 287 -0.07 40.58 -1.56
N GLU B 288 -0.29 41.59 -2.40
CA GLU B 288 0.57 42.78 -2.46
C GLU B 288 0.43 43.68 -1.22
C10 UZE C . -14.68 -6.98 -10.86
C17 UZE C . -17.52 -10.85 -10.02
C20 UZE C . -18.73 -10.47 -9.16
C21 UZE C . -18.77 -11.29 -7.89
C01 UZE C . -7.65 -4.61 -10.66
C02 UZE C . -8.02 -5.83 -9.85
C03 UZE C . -6.81 -6.75 -9.74
C04 UZE C . -8.43 -5.32 -8.46
C05 UZE C . -9.90 -4.93 -8.35
C07 UZE C . -11.96 -5.11 -8.81
C08 UZE C . -13.13 -6.08 -9.21
C09 UZE C . -13.65 -6.09 -10.50
C11 UZE C . -13.69 -6.94 -8.25
C12 UZE C . -14.73 -7.82 -8.62
C14 UZE C . -15.23 -7.82 -9.92
C16 UZE C . -16.11 -10.21 -10.14
C18 UZE C . -17.38 -12.33 -10.32
C19 UZE C . -17.75 -13.22 -9.12
C23 UZE C . -19.53 -13.59 -7.34
C25 UZE C . -20.00 -15.71 -6.48
C27 UZE C . -21.03 -13.86 -5.51
C29 UZE C . -22.83 -12.18 -4.90
C30 UZE C . -20.36 -13.03 -6.40
C32 UZE C . -17.03 -8.34 -11.60
C33 UZE C . -18.07 -9.38 -11.99
C35 UZE C . -10.51 -5.93 -10.23
C36 UZE C . -9.16 -6.63 -10.51
F13 UZE C . -15.27 -8.65 -7.69
N06 UZE C . -10.76 -5.71 -8.95
N15 UZE C . -16.32 -8.73 -10.37
N22 UZE C . -18.85 -12.69 -8.28
N24 UZE C . -19.36 -14.91 -7.39
N26 UZE C . -20.84 -15.18 -5.53
N28 UZE C . -21.90 -13.25 -4.51
N31 UZE C . -18.29 -10.59 -11.22
O34 UZE C . -18.74 -9.22 -12.96
C ACT D . -8.13 5.05 7.74
O ACT D . -8.61 5.98 6.98
OXT ACT D . -8.74 4.26 8.50
CH3 ACT D . -6.56 4.81 7.70
#